data_8P8K
#
_entry.id   8P8K
#
_cell.length_a   93.168
_cell.length_b   93.168
_cell.length_c   135.957
_cell.angle_alpha   90.000
_cell.angle_beta   90.000
_cell.angle_gamma   120.000
#
_symmetry.space_group_name_H-M   'P 32 2 1'
#
loop_
_entity.id
_entity.type
_entity.pdbx_description
1 polymer 'Acyl-ACP thioesterase'
2 non-polymer 5-[2,6-bis(fluoranyl)phenyl]-6-chloranyl-[1,3]thiazolo[4,5-b]pyridine
3 non-polymer '2-(N-MORPHOLINO)-ETHANESULFONIC ACID'
4 water water
#
_entity_poly.entity_id   1
_entity_poly.type   'polypeptide(L)'
_entity_poly.pdbx_seq_one_letter_code
;MKHHHHHHPMASAATESATATATLEETLAQRLRLGSLEPDGLSYKESFIVRSYEVGVNKTATVETIANLLQEVGCNHAQS
VGFSTDGFATTTTMRLLRLIWVTARMHIEIYKYPAWGDVVEIETWCQEDGKIGTRRDWIIKDYSTGVVIGRATSKWVMMN
QDTRRLQRVNDEVREEYLIFCPRTPRLAFPEEDSDSLKKIPKLEEPAQSSKLGLVPRRADLDMNQHVNNVTYIGWVLESI
PQEIIDTHELQTITLDYRRECQHDDIVDSLSSREFGDTPQNGNHSTGRKEGECQFLHFLKLSGSGLEINRGRTQWRRLAK
;
_entity_poly.pdbx_strand_id   AAA,BBB
#
# COMPACT_ATOMS: atom_id res chain seq x y z
N THR A 27 19.12 6.09 -15.56
CA THR A 27 18.63 7.00 -14.44
C THR A 27 19.08 6.46 -13.07
N LEU A 28 19.03 7.32 -12.07
CA LEU A 28 19.52 7.00 -10.70
C LEU A 28 18.68 5.87 -10.11
N ALA A 29 17.37 5.86 -10.34
CA ALA A 29 16.43 4.83 -9.86
C ALA A 29 16.86 3.45 -10.36
N GLN A 30 17.27 3.37 -11.62
CA GLN A 30 17.66 2.07 -12.25
C GLN A 30 19.04 1.65 -11.72
N ARG A 31 19.88 2.62 -11.36
CA ARG A 31 21.21 2.34 -10.79
C ARG A 31 21.03 1.80 -9.38
N LEU A 32 19.98 2.24 -8.68
CA LEU A 32 19.76 1.91 -7.25
C LEU A 32 18.85 0.70 -7.10
N ARG A 33 18.01 0.39 -8.10
CA ARG A 33 17.11 -0.80 -8.06
C ARG A 33 17.99 -2.05 -8.03
N LEU A 34 17.60 -3.08 -7.28
CA LEU A 34 18.21 -4.44 -7.33
C LEU A 34 17.60 -5.20 -8.50
N GLY A 35 17.89 -4.74 -9.72
CA GLY A 35 17.23 -5.27 -10.91
C GLY A 35 17.88 -4.76 -12.16
N SER A 36 17.47 -5.34 -13.28
CA SER A 36 18.21 -5.34 -14.57
C SER A 36 17.54 -6.35 -15.51
N LEU A 37 17.48 -6.04 -16.81
CA LEU A 37 17.24 -7.03 -17.88
C LEU A 37 18.28 -8.13 -17.73
N GLU A 38 17.93 -9.34 -18.15
CA GLU A 38 18.92 -10.42 -18.33
C GLU A 38 19.74 -10.13 -19.57
N PRO A 39 20.96 -10.68 -19.66
CA PRO A 39 21.76 -10.65 -20.90
C PRO A 39 20.93 -10.59 -22.21
N ASP A 40 20.04 -11.57 -22.41
CA ASP A 40 19.31 -11.78 -23.69
C ASP A 40 18.30 -10.65 -23.95
N GLY A 41 17.96 -9.85 -22.95
CA GLY A 41 17.05 -8.69 -23.09
C GLY A 41 15.60 -9.10 -23.24
N LEU A 42 15.26 -10.33 -22.86
CA LEU A 42 13.91 -10.91 -23.10
C LEU A 42 13.17 -11.17 -21.78
N SER A 43 13.86 -11.13 -20.64
CA SER A 43 13.27 -11.17 -19.28
C SER A 43 13.90 -10.09 -18.39
N TYR A 44 13.22 -9.74 -17.31
CA TYR A 44 13.62 -8.70 -16.31
C TYR A 44 13.57 -9.32 -14.91
N LYS A 45 14.58 -9.01 -14.10
CA LYS A 45 14.68 -9.53 -12.70
C LYS A 45 14.79 -8.31 -11.78
N GLU A 46 14.00 -8.25 -10.72
CA GLU A 46 14.18 -7.22 -9.67
C GLU A 46 13.83 -7.83 -8.32
N SER A 47 14.59 -7.44 -7.30
CA SER A 47 14.46 -7.99 -5.94
C SER A 47 13.97 -6.89 -5.01
N PHE A 48 13.33 -7.27 -3.91
CA PHE A 48 12.63 -6.37 -2.98
C PHE A 48 12.85 -6.83 -1.53
N ILE A 49 13.14 -5.87 -0.65
CA ILE A 49 13.13 -6.11 0.82
C ILE A 49 11.69 -5.90 1.30
N VAL A 50 11.13 -6.89 1.96
CA VAL A 50 9.76 -6.78 2.47
C VAL A 50 9.82 -5.73 3.56
N ARG A 51 9.04 -4.65 3.38
CA ARG A 51 9.03 -3.47 4.29
C ARG A 51 8.07 -3.75 5.44
N SER A 52 8.09 -2.91 6.47
CA SER A 52 7.35 -3.10 7.74
C SER A 52 5.84 -3.11 7.49
N TYR A 53 5.29 -2.25 6.63
CA TYR A 53 3.83 -2.05 6.48
C TYR A 53 3.27 -3.03 5.45
N GLU A 54 4.13 -3.84 4.82
CA GLU A 54 3.75 -4.76 3.72
C GLU A 54 3.37 -6.13 4.30
N VAL A 55 3.52 -6.30 5.61
CA VAL A 55 3.29 -7.62 6.26
C VAL A 55 1.98 -7.57 7.02
N GLY A 56 1.23 -8.65 6.93
CA GLY A 56 -0.11 -8.77 7.52
C GLY A 56 -0.05 -9.53 8.81
N VAL A 57 -1.18 -10.14 9.17
CA VAL A 57 -1.45 -10.73 10.51
C VAL A 57 -0.50 -11.92 10.73
N ASN A 58 -0.07 -12.59 9.68
CA ASN A 58 0.78 -13.81 9.77
C ASN A 58 2.26 -13.38 9.86
N LYS A 59 2.52 -12.07 9.97
CA LYS A 59 3.89 -11.49 10.05
C LYS A 59 4.66 -11.72 8.74
N THR A 60 3.95 -12.05 7.66
CA THR A 60 4.53 -12.22 6.30
C THR A 60 3.87 -11.23 5.33
N ALA A 61 4.47 -11.05 4.15
CA ALA A 61 3.91 -10.18 3.10
C ALA A 61 2.45 -10.56 2.88
N THR A 62 1.59 -9.56 2.72
CA THR A 62 0.19 -9.76 2.30
C THR A 62 0.15 -10.15 0.82
N VAL A 63 -1.00 -10.66 0.41
CA VAL A 63 -1.28 -10.95 -1.02
C VAL A 63 -1.26 -9.62 -1.77
N GLU A 64 -1.77 -8.56 -1.14
CA GLU A 64 -1.86 -7.20 -1.74
C GLU A 64 -0.42 -6.71 -2.02
N THR A 65 0.54 -6.99 -1.14
CA THR A 65 1.97 -6.66 -1.39
C THR A 65 2.50 -7.48 -2.56
N ILE A 66 2.27 -8.78 -2.54
CA ILE A 66 2.81 -9.66 -3.61
C ILE A 66 2.24 -9.21 -4.95
N ALA A 67 0.93 -8.94 -5.01
CA ALA A 67 0.29 -8.44 -6.26
C ALA A 67 0.98 -7.16 -6.68
N ASN A 68 1.12 -6.22 -5.75
CA ASN A 68 1.76 -4.91 -5.99
C ASN A 68 3.16 -5.11 -6.56
N LEU A 69 3.92 -6.03 -5.95
CA LEU A 69 5.32 -6.29 -6.38
C LEU A 69 5.31 -6.83 -7.81
N LEU A 70 4.34 -7.67 -8.16
CA LEU A 70 4.23 -8.26 -9.52
C LEU A 70 3.93 -7.15 -10.53
N GLN A 71 3.11 -6.19 -10.16
CA GLN A 71 2.84 -5.03 -11.03
C GLN A 71 4.16 -4.26 -11.23
N GLU A 72 4.83 -3.89 -10.14
CA GLU A 72 6.05 -3.04 -10.14
C GLU A 72 7.11 -3.65 -11.08
N VAL A 73 7.34 -4.93 -10.93
CA VAL A 73 8.46 -5.57 -11.66
C VAL A 73 8.08 -5.59 -13.15
N GLY A 74 6.79 -5.80 -13.44
CA GLY A 74 6.27 -5.70 -14.82
C GLY A 74 6.41 -4.29 -15.38
N CYS A 75 6.08 -3.26 -14.59
CA CYS A 75 6.19 -1.86 -15.04
C CYS A 75 7.68 -1.54 -15.27
N ASN A 76 8.57 -2.04 -14.43
CA ASN A 76 10.01 -1.69 -14.51
C ASN A 76 10.64 -2.42 -15.70
N HIS A 77 10.13 -3.60 -16.05
CA HIS A 77 10.52 -4.32 -17.29
C HIS A 77 10.13 -3.45 -18.49
N ALA A 78 8.88 -2.99 -18.56
CA ALA A 78 8.44 -2.03 -19.60
C ALA A 78 9.43 -0.84 -19.67
N GLN A 79 9.62 -0.14 -18.56
CA GLN A 79 10.50 1.05 -18.54
C GLN A 79 11.85 0.64 -19.11
N SER A 80 12.29 -0.60 -18.84
CA SER A 80 13.70 -1.02 -19.11
C SER A 80 13.92 -1.23 -20.61
N VAL A 81 12.87 -1.43 -21.38
CA VAL A 81 13.03 -1.65 -22.86
C VAL A 81 12.55 -0.42 -23.63
N GLY A 82 12.29 0.69 -22.95
CA GLY A 82 12.12 2.01 -23.59
C GLY A 82 10.68 2.47 -23.65
N PHE A 83 9.71 1.71 -23.12
CA PHE A 83 8.34 2.23 -22.92
C PHE A 83 8.48 3.50 -22.07
N SER A 84 7.55 4.44 -22.21
CA SER A 84 7.62 5.69 -21.42
C SER A 84 6.80 5.51 -20.15
N THR A 85 6.65 6.59 -19.39
CA THR A 85 5.73 6.75 -18.23
C THR A 85 4.30 6.92 -18.78
N ASP A 86 3.34 7.22 -17.92
CA ASP A 86 1.91 7.48 -18.29
C ASP A 86 1.49 6.39 -19.28
N GLY A 87 1.52 5.15 -18.80
CA GLY A 87 1.22 3.95 -19.59
C GLY A 87 2.07 2.79 -19.13
N PHE A 88 1.45 1.69 -18.75
CA PHE A 88 2.15 0.41 -18.54
C PHE A 88 2.25 -0.34 -19.87
N ALA A 89 3.46 -0.33 -20.45
CA ALA A 89 3.85 -1.11 -21.66
C ALA A 89 3.00 -0.66 -22.85
N THR A 90 2.65 0.62 -22.91
CA THR A 90 1.85 1.20 -24.01
C THR A 90 2.84 1.68 -25.05
N THR A 91 2.79 1.09 -26.25
CA THR A 91 3.75 1.38 -27.32
C THR A 91 3.41 2.74 -27.90
N THR A 92 4.35 3.28 -28.67
CA THR A 92 4.28 4.58 -29.37
C THR A 92 2.89 4.72 -30.04
N THR A 93 2.37 3.65 -30.66
CA THR A 93 1.04 3.66 -31.33
C THR A 93 -0.08 3.69 -30.29
N MET A 94 -0.02 2.75 -29.34
CA MET A 94 -1.02 2.66 -28.25
C MET A 94 -1.19 4.06 -27.66
N ARG A 95 -0.08 4.76 -27.44
CA ARG A 95 -0.12 6.15 -26.94
C ARG A 95 -1.08 6.92 -27.84
N LEU A 96 -0.85 6.85 -29.14
CA LEU A 96 -1.53 7.68 -30.16
C LEU A 96 -3.02 7.33 -30.19
N LEU A 97 -3.37 6.05 -30.09
CA LEU A 97 -4.78 5.58 -30.19
C LEU A 97 -5.48 5.67 -28.83
N ARG A 98 -4.81 6.17 -27.79
CA ARG A 98 -5.32 6.23 -26.40
C ARG A 98 -5.65 4.79 -25.95
N LEU A 99 -4.69 3.87 -26.14
CA LEU A 99 -4.84 2.44 -25.79
C LEU A 99 -3.99 2.12 -24.55
N ILE A 100 -4.51 1.24 -23.72
CA ILE A 100 -3.79 0.71 -22.52
C ILE A 100 -3.94 -0.80 -22.52
N TRP A 101 -3.26 -1.44 -21.57
CA TRP A 101 -3.39 -2.88 -21.30
C TRP A 101 -4.21 -3.08 -20.02
N VAL A 102 -5.14 -4.02 -20.05
CA VAL A 102 -5.94 -4.41 -18.86
C VAL A 102 -5.86 -5.92 -18.67
N THR A 103 -6.09 -6.34 -17.44
CA THR A 103 -6.08 -7.76 -17.04
C THR A 103 -7.39 -8.41 -17.49
N ALA A 104 -7.30 -9.50 -18.24
CA ALA A 104 -8.41 -10.45 -18.50
C ALA A 104 -8.38 -11.57 -17.44
N ARG A 105 -7.19 -12.08 -17.15
CA ARG A 105 -7.05 -13.14 -16.12
C ARG A 105 -5.73 -12.98 -15.38
N MET A 106 -5.79 -13.14 -14.07
CA MET A 106 -4.62 -13.22 -13.17
C MET A 106 -4.65 -14.61 -12.53
N HIS A 107 -3.49 -15.25 -12.40
CA HIS A 107 -3.36 -16.51 -11.65
C HIS A 107 -2.06 -16.48 -10.87
N ILE A 108 -2.16 -16.47 -9.54
CA ILE A 108 -0.98 -16.39 -8.66
C ILE A 108 -0.92 -17.65 -7.80
N GLU A 109 0.29 -18.13 -7.56
CA GLU A 109 0.57 -19.23 -6.63
C GLU A 109 1.77 -18.85 -5.76
N ILE A 110 1.58 -18.92 -4.44
CA ILE A 110 2.66 -18.70 -3.45
C ILE A 110 2.83 -19.96 -2.64
N TYR A 111 4.07 -20.46 -2.56
CA TYR A 111 4.43 -21.63 -1.71
C TYR A 111 4.87 -21.14 -0.34
N LYS A 112 5.46 -19.96 -0.27
CA LYS A 112 5.95 -19.39 1.01
C LYS A 112 5.96 -17.88 0.92
N TYR A 113 5.34 -17.25 1.90
CA TYR A 113 5.29 -15.77 2.01
C TYR A 113 6.57 -15.33 2.70
N PRO A 114 7.30 -14.36 2.12
CA PRO A 114 8.50 -13.82 2.76
C PRO A 114 8.15 -13.02 4.02
N ALA A 115 9.03 -13.09 5.01
CA ALA A 115 8.84 -12.39 6.30
C ALA A 115 9.23 -10.92 6.14
N TRP A 116 8.74 -10.09 7.05
CA TRP A 116 9.32 -8.75 7.27
C TRP A 116 10.84 -8.87 7.23
N GLY A 117 11.47 -8.19 6.28
CA GLY A 117 12.93 -8.05 6.29
C GLY A 117 13.58 -8.95 5.25
N ASP A 118 12.85 -9.94 4.75
CA ASP A 118 13.33 -10.89 3.73
C ASP A 118 13.43 -10.25 2.34
N VAL A 119 14.26 -10.87 1.51
CA VAL A 119 14.50 -10.38 0.12
C VAL A 119 13.98 -11.42 -0.87
N VAL A 120 13.11 -11.00 -1.79
CA VAL A 120 12.59 -11.87 -2.88
C VAL A 120 13.02 -11.29 -4.23
N GLU A 121 13.43 -12.18 -5.10
CA GLU A 121 13.75 -11.85 -6.51
C GLU A 121 12.51 -12.23 -7.31
N ILE A 122 12.11 -11.41 -8.25
CA ILE A 122 11.01 -11.74 -9.19
C ILE A 122 11.53 -11.61 -10.62
N GLU A 123 11.47 -12.68 -11.38
CA GLU A 123 11.71 -12.63 -12.83
C GLU A 123 10.36 -12.55 -13.53
N THR A 124 10.31 -11.76 -14.59
CA THR A 124 9.07 -11.56 -15.33
C THR A 124 9.46 -11.40 -16.80
N TRP A 125 8.54 -11.79 -17.68
CA TRP A 125 8.66 -11.59 -19.14
C TRP A 125 7.28 -11.65 -19.76
N CYS A 126 7.22 -11.40 -21.05
CA CYS A 126 5.93 -11.27 -21.74
C CYS A 126 6.01 -11.96 -23.10
N GLN A 127 5.11 -12.90 -23.34
CA GLN A 127 4.99 -13.57 -24.64
C GLN A 127 3.59 -13.32 -25.17
N GLU A 128 3.38 -13.62 -26.43
CA GLU A 128 2.14 -13.24 -27.12
C GLU A 128 1.07 -14.30 -26.84
N ASP A 129 -0.20 -13.88 -26.84
CA ASP A 129 -1.37 -14.77 -26.60
C ASP A 129 -2.30 -14.72 -27.80
N GLY A 130 -2.03 -15.54 -28.82
CA GLY A 130 -2.60 -15.36 -30.17
C GLY A 130 -2.51 -13.91 -30.59
N LYS A 131 -3.61 -13.33 -31.05
CA LYS A 131 -3.67 -11.89 -31.41
C LYS A 131 -4.83 -11.23 -30.66
N ILE A 132 -5.33 -11.87 -29.60
CA ILE A 132 -6.30 -11.22 -28.67
C ILE A 132 -5.51 -10.37 -27.67
N GLY A 133 -4.29 -10.78 -27.29
CA GLY A 133 -3.42 -9.94 -26.45
C GLY A 133 -2.09 -10.59 -26.10
N THR A 134 -1.74 -10.51 -24.83
CA THR A 134 -0.38 -10.82 -24.33
C THR A 134 -0.47 -11.56 -22.99
N ARG A 135 0.50 -12.41 -22.73
CA ARG A 135 0.64 -13.17 -21.47
C ARG A 135 1.89 -12.69 -20.72
N ARG A 136 1.77 -12.18 -19.49
CA ARG A 136 2.94 -11.86 -18.64
C ARG A 136 3.06 -12.94 -17.55
N ASP A 137 4.26 -13.47 -17.35
CA ASP A 137 4.51 -14.54 -16.35
C ASP A 137 5.58 -14.08 -15.36
N TRP A 138 5.56 -14.63 -14.15
CA TRP A 138 6.49 -14.26 -13.05
C TRP A 138 6.97 -15.52 -12.34
N ILE A 139 8.26 -15.57 -12.01
CA ILE A 139 8.80 -16.51 -10.99
C ILE A 139 9.21 -15.68 -9.77
N ILE A 140 8.89 -16.15 -8.57
CA ILE A 140 9.36 -15.51 -7.31
C ILE A 140 10.31 -16.47 -6.59
N LYS A 141 11.50 -15.99 -6.31
CA LYS A 141 12.54 -16.81 -5.64
C LYS A 141 12.96 -16.11 -4.37
N ASP A 142 13.37 -16.88 -3.38
CA ASP A 142 14.18 -16.37 -2.26
C ASP A 142 15.48 -15.81 -2.87
N TYR A 143 15.84 -14.62 -2.44
CA TYR A 143 16.95 -13.83 -3.02
C TYR A 143 18.26 -14.59 -2.82
N SER A 144 18.56 -15.07 -1.62
CA SER A 144 19.87 -15.69 -1.33
C SER A 144 19.97 -17.00 -2.12
N THR A 145 19.03 -17.91 -1.85
CA THR A 145 19.15 -19.35 -2.22
C THR A 145 18.72 -19.55 -3.67
N GLY A 146 17.80 -18.74 -4.16
CA GLY A 146 17.26 -18.90 -5.52
C GLY A 146 16.24 -20.02 -5.56
N VAL A 147 15.67 -20.36 -4.40
CA VAL A 147 14.58 -21.35 -4.29
C VAL A 147 13.27 -20.67 -4.71
N VAL A 148 12.49 -21.34 -5.55
CA VAL A 148 11.19 -20.84 -6.05
C VAL A 148 10.18 -20.88 -4.90
N ILE A 149 9.58 -19.73 -4.55
CA ILE A 149 8.55 -19.65 -3.48
C ILE A 149 7.21 -19.24 -4.06
N GLY A 150 7.11 -18.96 -5.35
CA GLY A 150 5.86 -18.48 -5.96
C GLY A 150 5.98 -18.31 -7.45
N ARG A 151 4.86 -18.19 -8.14
CA ARG A 151 4.82 -17.97 -9.60
C ARG A 151 3.44 -17.45 -10.01
N ALA A 152 3.38 -16.88 -11.20
CA ALA A 152 2.16 -16.18 -11.65
C ALA A 152 2.11 -16.09 -13.18
N THR A 153 0.90 -16.06 -13.71
CA THR A 153 0.65 -15.85 -15.15
C THR A 153 -0.61 -15.01 -15.30
N SER A 154 -0.73 -14.39 -16.45
CA SER A 154 -1.80 -13.39 -16.68
C SER A 154 -2.04 -13.26 -18.18
N LYS A 155 -3.28 -12.91 -18.53
CA LYS A 155 -3.69 -12.58 -19.91
C LYS A 155 -4.11 -11.11 -19.92
N TRP A 156 -3.49 -10.31 -20.79
CA TRP A 156 -3.83 -8.87 -20.95
C TRP A 156 -4.38 -8.65 -22.34
N VAL A 157 -5.28 -7.68 -22.46
CA VAL A 157 -5.94 -7.31 -23.74
C VAL A 157 -5.87 -5.80 -23.84
N MET A 158 -5.84 -5.26 -25.05
CA MET A 158 -5.79 -3.79 -25.27
C MET A 158 -7.18 -3.22 -24.98
N MET A 159 -7.22 -2.00 -24.45
CA MET A 159 -8.49 -1.28 -24.17
C MET A 159 -8.26 0.20 -24.44
N ASN A 160 -9.19 0.82 -25.16
CA ASN A 160 -9.21 2.30 -25.33
C ASN A 160 -9.44 2.91 -23.96
N GLN A 161 -8.56 3.79 -23.50
CA GLN A 161 -8.63 4.26 -22.09
C GLN A 161 -9.84 5.17 -21.90
N ASP A 162 -10.37 5.74 -22.99
CA ASP A 162 -11.50 6.72 -22.92
C ASP A 162 -12.83 5.99 -22.94
N THR A 163 -13.03 5.14 -23.95
CA THR A 163 -14.28 4.35 -24.13
C THR A 163 -14.27 3.16 -23.15
N ARG A 164 -13.10 2.73 -22.71
CA ARG A 164 -12.96 1.59 -21.78
C ARG A 164 -13.50 0.34 -22.51
N ARG A 165 -13.15 0.18 -23.79
CA ARG A 165 -13.70 -0.86 -24.71
C ARG A 165 -12.56 -1.68 -25.31
N LEU A 166 -12.69 -3.00 -25.30
CA LEU A 166 -11.62 -3.95 -25.70
C LEU A 166 -11.38 -3.89 -27.22
N GLN A 167 -10.16 -4.23 -27.65
CA GLN A 167 -9.63 -3.85 -28.98
C GLN A 167 -8.96 -5.04 -29.66
N ARG A 168 -9.25 -5.20 -30.96
CA ARG A 168 -8.43 -5.94 -31.94
C ARG A 168 -6.95 -5.54 -31.77
N VAL A 169 -6.06 -6.49 -31.51
CA VAL A 169 -4.61 -6.20 -31.39
C VAL A 169 -4.05 -5.93 -32.79
N ASN A 170 -3.78 -4.65 -33.08
CA ASN A 170 -3.05 -4.14 -34.27
C ASN A 170 -1.80 -4.96 -34.56
N ASP A 171 -1.57 -5.32 -35.82
CA ASP A 171 -0.25 -5.83 -36.31
C ASP A 171 0.81 -4.73 -36.14
N GLU A 172 0.41 -3.46 -36.18
CA GLU A 172 1.29 -2.27 -35.96
C GLU A 172 1.95 -2.39 -34.58
N VAL A 173 1.12 -2.53 -33.55
CA VAL A 173 1.58 -2.60 -32.15
C VAL A 173 2.38 -3.90 -31.96
N ARG A 174 1.94 -5.02 -32.52
CA ARG A 174 2.69 -6.30 -32.39
C ARG A 174 4.15 -6.08 -32.81
N GLU A 175 4.40 -5.47 -33.98
CA GLU A 175 5.76 -5.09 -34.46
C GLU A 175 6.52 -4.38 -33.33
N GLU A 176 5.85 -3.45 -32.65
CA GLU A 176 6.49 -2.54 -31.67
C GLU A 176 6.96 -3.28 -30.42
N TYR A 177 6.33 -4.38 -30.03
CA TYR A 177 6.63 -5.06 -28.74
C TYR A 177 7.27 -6.43 -28.95
N LEU A 178 7.06 -7.03 -30.12
CA LEU A 178 7.31 -8.48 -30.28
C LEU A 178 8.82 -8.75 -30.22
N ILE A 179 9.61 -7.72 -30.47
CA ILE A 179 11.10 -7.79 -30.42
C ILE A 179 11.51 -8.23 -29.01
N PHE A 180 10.74 -7.82 -28.00
CA PHE A 180 11.11 -7.95 -26.56
C PHE A 180 10.42 -9.16 -25.92
N CYS A 181 9.80 -10.01 -26.72
CA CYS A 181 9.16 -11.27 -26.26
C CYS A 181 10.01 -12.44 -26.76
N PRO A 182 10.36 -13.42 -25.91
CA PRO A 182 11.04 -14.62 -26.40
C PRO A 182 10.26 -15.30 -27.54
N ARG A 183 10.99 -15.82 -28.54
CA ARG A 183 10.45 -16.49 -29.74
C ARG A 183 9.61 -17.70 -29.33
N THR A 184 10.20 -18.61 -28.56
CA THR A 184 9.57 -19.91 -28.21
C THR A 184 9.01 -19.81 -26.79
N PRO A 185 7.76 -20.30 -26.54
CA PRO A 185 7.18 -20.38 -25.20
C PRO A 185 8.16 -20.57 -24.03
N ARG A 186 8.07 -19.64 -23.08
CA ARG A 186 8.57 -19.78 -21.69
C ARG A 186 7.34 -19.71 -20.77
N LEU A 187 7.10 -20.75 -19.99
CA LEU A 187 5.87 -20.88 -19.20
C LEU A 187 6.24 -21.03 -17.73
N ALA A 188 5.70 -20.17 -16.88
CA ALA A 188 5.80 -20.31 -15.42
C ALA A 188 4.99 -21.53 -15.00
N PHE A 189 4.02 -21.92 -15.81
CA PHE A 189 3.09 -23.04 -15.53
C PHE A 189 3.20 -24.02 -16.66
N PRO A 190 4.34 -24.72 -16.81
CA PRO A 190 4.58 -25.58 -17.96
C PRO A 190 3.84 -26.93 -17.89
N GLU A 191 3.20 -27.24 -16.76
CA GLU A 191 2.56 -28.57 -16.53
C GLU A 191 1.34 -28.73 -17.44
N GLU A 192 0.83 -29.96 -17.52
CA GLU A 192 -0.14 -30.40 -18.55
C GLU A 192 -1.46 -29.63 -18.35
N ASP A 193 -2.46 -30.24 -17.74
CA ASP A 193 -3.79 -29.59 -17.66
C ASP A 193 -3.69 -28.64 -16.47
N SER A 194 -3.06 -27.48 -16.70
CA SER A 194 -2.64 -26.53 -15.65
C SER A 194 -3.87 -25.84 -15.06
N ASP A 195 -3.93 -25.78 -13.74
CA ASP A 195 -5.01 -25.06 -13.03
C ASP A 195 -5.10 -23.65 -13.64
N SER A 196 -3.98 -23.09 -14.09
CA SER A 196 -3.91 -21.67 -14.53
C SER A 196 -4.77 -21.42 -15.77
N LEU A 197 -5.10 -22.47 -16.54
CA LEU A 197 -5.79 -22.33 -17.85
C LEU A 197 -7.21 -22.88 -17.77
N LYS A 198 -7.60 -23.43 -16.62
CA LYS A 198 -8.92 -24.06 -16.39
C LYS A 198 -10.01 -22.98 -16.29
N LYS A 199 -11.11 -23.24 -16.98
CA LYS A 199 -12.30 -22.37 -17.01
C LYS A 199 -12.90 -22.32 -15.61
N ILE A 200 -13.45 -21.18 -15.24
CA ILE A 200 -14.08 -21.00 -13.90
C ILE A 200 -15.58 -21.02 -14.11
N PRO A 201 -16.29 -21.93 -13.42
CA PRO A 201 -17.75 -21.95 -13.47
C PRO A 201 -18.38 -20.81 -12.68
N LYS A 202 -19.66 -20.59 -12.95
CA LYS A 202 -20.52 -19.62 -12.22
C LYS A 202 -20.82 -20.21 -10.84
N LEU A 203 -20.56 -19.51 -9.73
CA LEU A 203 -21.01 -20.09 -8.44
C LEU A 203 -22.53 -19.99 -8.37
N GLU A 204 -23.12 -21.00 -7.73
CA GLU A 204 -24.56 -21.12 -7.46
C GLU A 204 -24.92 -20.18 -6.32
N GLU A 205 -25.80 -19.22 -6.60
CA GLU A 205 -26.42 -18.37 -5.56
C GLU A 205 -27.67 -19.10 -5.10
N PRO A 206 -28.07 -18.98 -3.82
CA PRO A 206 -27.41 -18.10 -2.86
C PRO A 206 -26.11 -18.76 -2.38
N ALA A 207 -25.08 -17.95 -2.16
CA ALA A 207 -23.70 -18.37 -1.77
C ALA A 207 -23.57 -18.50 -0.25
N GLN A 208 -22.73 -19.45 0.16
CA GLN A 208 -22.40 -19.71 1.58
C GLN A 208 -21.95 -18.41 2.25
N SER A 209 -20.99 -17.74 1.64
CA SER A 209 -20.31 -16.57 2.25
C SER A 209 -20.48 -15.35 1.34
N SER A 210 -20.64 -14.18 1.95
CA SER A 210 -20.87 -12.92 1.21
C SER A 210 -20.22 -11.74 1.94
N LYS A 211 -19.85 -10.73 1.18
CA LYS A 211 -19.48 -9.38 1.67
C LYS A 211 -20.18 -8.38 0.76
N LEU A 212 -21.24 -7.74 1.25
CA LEU A 212 -22.14 -6.92 0.41
C LEU A 212 -21.81 -5.43 0.51
N GLY A 213 -22.21 -4.68 -0.53
CA GLY A 213 -22.14 -3.21 -0.54
C GLY A 213 -20.72 -2.70 -0.44
N LEU A 214 -19.72 -3.45 -0.93
CA LEU A 214 -18.33 -2.96 -1.04
C LEU A 214 -18.29 -1.83 -2.06
N VAL A 215 -17.53 -0.79 -1.74
CA VAL A 215 -17.41 0.43 -2.59
C VAL A 215 -15.92 0.70 -2.79
N PRO A 216 -15.48 1.02 -4.02
CA PRO A 216 -14.09 1.43 -4.23
C PRO A 216 -13.80 2.64 -3.33
N ARG A 217 -12.69 2.62 -2.62
CA ARG A 217 -12.20 3.80 -1.88
C ARG A 217 -11.55 4.74 -2.88
N ARG A 218 -11.48 6.02 -2.57
CA ARG A 218 -10.68 7.00 -3.36
C ARG A 218 -9.29 6.42 -3.62
N ALA A 219 -8.70 5.79 -2.61
CA ALA A 219 -7.31 5.30 -2.61
C ALA A 219 -7.12 4.15 -3.62
N ASP A 220 -8.21 3.50 -4.06
CA ASP A 220 -8.15 2.30 -4.94
C ASP A 220 -7.95 2.71 -6.40
N LEU A 221 -8.13 4.01 -6.69
CA LEU A 221 -8.19 4.55 -8.07
C LEU A 221 -6.78 4.94 -8.51
N ASP A 222 -6.39 4.51 -9.71
CA ASP A 222 -5.04 4.67 -10.30
C ASP A 222 -4.92 6.03 -10.99
N MET A 223 -3.80 6.28 -11.66
CA MET A 223 -3.51 7.47 -12.50
C MET A 223 -4.74 7.89 -13.32
N ASN A 224 -5.38 6.94 -14.02
CA ASN A 224 -6.40 7.18 -15.07
C ASN A 224 -7.81 7.24 -14.46
N GLN A 225 -7.92 6.98 -13.15
CA GLN A 225 -9.16 7.14 -12.32
C GLN A 225 -9.99 5.85 -12.29
N HIS A 226 -9.39 4.72 -12.65
CA HIS A 226 -10.10 3.42 -12.68
C HIS A 226 -9.56 2.52 -11.57
N VAL A 227 -10.28 1.45 -11.26
CA VAL A 227 -10.05 0.58 -10.06
C VAL A 227 -8.84 -0.35 -10.32
N ASN A 228 -7.89 -0.36 -9.39
CA ASN A 228 -6.65 -1.16 -9.51
C ASN A 228 -6.97 -2.67 -9.52
N ASN A 229 -6.36 -3.39 -10.47
CA ASN A 229 -6.12 -4.86 -10.46
C ASN A 229 -6.12 -5.42 -9.02
N VAL A 230 -5.30 -4.89 -8.10
CA VAL A 230 -5.12 -5.46 -6.73
C VAL A 230 -6.44 -5.35 -5.95
N THR A 231 -7.21 -4.31 -6.15
CA THR A 231 -8.47 -4.11 -5.40
C THR A 231 -9.41 -5.32 -5.61
N TYR A 232 -9.45 -5.87 -6.83
CA TYR A 232 -10.37 -6.98 -7.18
C TYR A 232 -9.96 -8.23 -6.39
N ILE A 233 -8.65 -8.44 -6.25
CA ILE A 233 -8.09 -9.51 -5.38
C ILE A 233 -8.57 -9.27 -3.93
N GLY A 234 -8.36 -8.09 -3.38
CA GLY A 234 -8.85 -7.78 -2.03
C GLY A 234 -10.31 -8.19 -1.85
N TRP A 235 -11.18 -7.71 -2.76
CA TRP A 235 -12.64 -7.94 -2.70
C TRP A 235 -12.96 -9.43 -2.67
N VAL A 236 -12.18 -10.22 -3.40
CA VAL A 236 -12.35 -11.70 -3.38
C VAL A 236 -12.05 -12.23 -1.97
N LEU A 237 -10.96 -11.77 -1.34
CA LEU A 237 -10.54 -12.23 0.01
C LEU A 237 -11.54 -11.72 1.05
N GLU A 238 -12.18 -10.58 0.82
CA GLU A 238 -13.22 -10.09 1.75
C GLU A 238 -14.31 -11.17 1.93
N SER A 239 -14.55 -12.02 0.93
CA SER A 239 -15.71 -12.95 0.93
C SER A 239 -15.39 -14.22 1.72
N ILE A 240 -14.11 -14.48 1.99
CA ILE A 240 -13.67 -15.72 2.72
C ILE A 240 -14.03 -15.61 4.20
N PRO A 241 -14.49 -16.69 4.87
CA PRO A 241 -14.81 -16.64 6.30
C PRO A 241 -13.57 -16.49 7.21
N GLN A 242 -13.76 -15.77 8.32
CA GLN A 242 -12.70 -15.40 9.29
C GLN A 242 -12.00 -16.68 9.79
N GLU A 243 -12.74 -17.76 9.98
CA GLU A 243 -12.19 -19.03 10.50
C GLU A 243 -11.03 -19.44 9.62
N ILE A 244 -11.26 -19.36 8.32
CA ILE A 244 -10.26 -19.75 7.30
C ILE A 244 -9.09 -18.77 7.36
N ILE A 245 -9.31 -17.45 7.33
CA ILE A 245 -8.12 -16.54 7.25
C ILE A 245 -7.32 -16.69 8.54
N ASP A 246 -7.97 -16.95 9.67
CA ASP A 246 -7.29 -17.12 10.99
C ASP A 246 -6.41 -18.37 10.96
N THR A 247 -6.79 -19.39 10.21
CA THR A 247 -6.15 -20.72 10.29
C THR A 247 -5.49 -21.13 8.98
N HIS A 248 -5.58 -20.30 7.92
CA HIS A 248 -5.02 -20.65 6.58
C HIS A 248 -4.41 -19.44 5.88
N GLU A 249 -3.50 -19.76 4.94
CA GLU A 249 -2.77 -18.89 3.99
C GLU A 249 -3.30 -19.15 2.57
N LEU A 250 -3.47 -18.10 1.78
CA LEU A 250 -3.85 -18.22 0.34
C LEU A 250 -2.72 -18.91 -0.40
N GLN A 251 -2.97 -20.05 -1.05
CA GLN A 251 -1.92 -20.76 -1.82
C GLN A 251 -2.00 -20.37 -3.29
N THR A 252 -3.20 -20.37 -3.87
CA THR A 252 -3.42 -19.90 -5.25
C THR A 252 -4.68 -19.03 -5.35
N ILE A 253 -4.65 -18.14 -6.34
CA ILE A 253 -5.85 -17.38 -6.80
C ILE A 253 -5.91 -17.39 -8.32
N THR A 254 -7.07 -17.72 -8.85
CA THR A 254 -7.40 -17.44 -10.26
C THR A 254 -8.55 -16.44 -10.28
N LEU A 255 -8.35 -15.33 -10.99
CA LEU A 255 -9.34 -14.25 -11.15
C LEU A 255 -9.56 -13.98 -12.63
N ASP A 256 -10.82 -14.06 -13.08
CA ASP A 256 -11.25 -13.55 -14.40
C ASP A 256 -11.87 -12.17 -14.22
N TYR A 257 -11.53 -11.27 -15.12
CA TYR A 257 -12.09 -9.91 -15.18
C TYR A 257 -12.96 -9.84 -16.43
N ARG A 258 -14.28 -9.86 -16.25
CA ARG A 258 -15.29 -9.92 -17.34
C ARG A 258 -15.73 -8.51 -17.72
N ARG A 259 -16.07 -7.68 -16.72
CA ARG A 259 -16.52 -6.28 -16.89
C ARG A 259 -15.90 -5.43 -15.80
N GLU A 260 -15.62 -4.15 -16.08
CA GLU A 260 -14.93 -3.23 -15.14
C GLU A 260 -15.84 -2.81 -13.99
N CYS A 261 -15.26 -2.56 -12.82
CA CYS A 261 -15.92 -1.76 -11.75
C CYS A 261 -15.67 -0.25 -11.98
N GLN A 262 -16.74 0.52 -12.09
CA GLN A 262 -16.69 2.01 -12.11
C GLN A 262 -16.49 2.51 -10.69
N HIS A 263 -15.92 3.71 -10.54
CA HIS A 263 -15.71 4.40 -9.25
C HIS A 263 -17.03 4.56 -8.47
N ASP A 264 -18.18 4.68 -9.15
CA ASP A 264 -19.49 4.88 -8.47
C ASP A 264 -20.22 3.54 -8.30
N ASP A 265 -19.66 2.42 -8.77
CA ASP A 265 -20.32 1.08 -8.67
C ASP A 265 -20.27 0.58 -7.22
N ILE A 266 -21.20 -0.31 -6.85
CA ILE A 266 -21.18 -1.07 -5.56
C ILE A 266 -21.13 -2.58 -5.85
N VAL A 267 -20.25 -3.27 -5.12
CA VAL A 267 -19.85 -4.68 -5.40
C VAL A 267 -20.38 -5.58 -4.29
N ASP A 268 -21.06 -6.66 -4.66
CA ASP A 268 -21.25 -7.82 -3.76
C ASP A 268 -20.18 -8.86 -4.15
N SER A 269 -19.45 -9.39 -3.16
CA SER A 269 -18.41 -10.44 -3.31
C SER A 269 -18.92 -11.73 -2.68
N LEU A 270 -19.08 -12.79 -3.47
CA LEU A 270 -19.71 -14.06 -3.02
C LEU A 270 -18.63 -15.16 -3.02
N SER A 271 -18.79 -16.18 -2.17
CA SER A 271 -17.97 -17.42 -2.24
C SER A 271 -18.69 -18.65 -1.65
N SER A 272 -18.33 -19.83 -2.15
CA SER A 272 -18.69 -21.15 -1.56
C SER A 272 -17.50 -22.11 -1.66
N ARG A 273 -17.52 -23.21 -0.93
CA ARG A 273 -16.48 -24.27 -1.02
C ARG A 273 -16.76 -25.18 -2.21
N GLU A 274 -15.75 -25.93 -2.67
CA GLU A 274 -15.94 -27.10 -3.58
C GLU A 274 -14.87 -28.18 -3.27
N GLY A 291 -5.29 -31.30 4.47
CA GLY A 291 -5.94 -30.09 5.01
C GLY A 291 -5.94 -28.93 4.02
N GLU A 292 -6.58 -29.14 2.87
CA GLU A 292 -6.49 -28.25 1.67
C GLU A 292 -7.91 -27.94 1.15
N CYS A 293 -8.30 -26.68 1.13
CA CYS A 293 -9.69 -26.31 0.81
C CYS A 293 -9.71 -25.21 -0.27
N GLN A 294 -10.77 -25.23 -1.08
CA GLN A 294 -10.98 -24.40 -2.29
C GLN A 294 -12.23 -23.56 -2.17
N PHE A 295 -12.26 -22.41 -2.82
CA PHE A 295 -13.50 -21.61 -2.92
C PHE A 295 -13.74 -21.17 -4.36
N LEU A 296 -14.98 -21.30 -4.81
CA LEU A 296 -15.51 -20.64 -6.03
C LEU A 296 -15.96 -19.24 -5.63
N HIS A 297 -15.67 -18.24 -6.46
CA HIS A 297 -15.93 -16.80 -6.17
C HIS A 297 -16.77 -16.15 -7.27
N PHE A 298 -17.37 -15.02 -6.92
CA PHE A 298 -18.20 -14.28 -7.88
C PHE A 298 -18.38 -12.85 -7.38
N LEU A 299 -17.97 -11.89 -8.20
CA LEU A 299 -18.18 -10.46 -7.92
C LEU A 299 -19.25 -9.95 -8.88
N LYS A 300 -20.33 -9.37 -8.33
CA LYS A 300 -21.36 -8.68 -9.15
C LYS A 300 -21.75 -7.34 -8.54
N LEU A 301 -22.34 -6.50 -9.38
CA LEU A 301 -22.79 -5.13 -9.01
C LEU A 301 -24.10 -5.25 -8.23
N SER A 302 -24.20 -4.54 -7.09
CA SER A 302 -25.39 -4.56 -6.20
C SER A 302 -26.67 -4.14 -6.96
N GLY A 303 -26.57 -3.20 -7.89
CA GLY A 303 -27.77 -2.65 -8.55
C GLY A 303 -28.20 -3.51 -9.72
N SER A 304 -27.35 -3.54 -10.74
CA SER A 304 -27.52 -4.28 -12.00
C SER A 304 -27.65 -5.78 -11.74
N GLY A 305 -26.78 -6.35 -10.90
CA GLY A 305 -26.57 -7.81 -10.77
C GLY A 305 -25.59 -8.33 -11.82
N LEU A 306 -24.87 -7.41 -12.48
CA LEU A 306 -23.90 -7.66 -13.56
C LEU A 306 -22.65 -8.32 -13.01
N GLU A 307 -22.18 -9.38 -13.67
CA GLU A 307 -20.91 -10.04 -13.28
C GLU A 307 -19.75 -9.12 -13.66
N ILE A 308 -18.88 -8.83 -12.71
CA ILE A 308 -17.62 -8.12 -13.04
C ILE A 308 -16.47 -9.15 -13.05
N ASN A 309 -16.52 -10.14 -12.16
CA ASN A 309 -15.38 -11.06 -11.95
C ASN A 309 -15.89 -12.39 -11.43
N ARG A 310 -15.13 -13.45 -11.72
CA ARG A 310 -15.30 -14.78 -11.11
C ARG A 310 -13.92 -15.35 -10.82
N GLY A 311 -13.80 -16.25 -9.84
CA GLY A 311 -12.47 -16.63 -9.31
C GLY A 311 -12.47 -17.95 -8.57
N ARG A 312 -11.27 -18.48 -8.33
CA ARG A 312 -11.00 -19.65 -7.46
C ARG A 312 -9.87 -19.28 -6.49
N THR A 313 -9.94 -19.76 -5.25
CA THR A 313 -8.84 -19.59 -4.27
C THR A 313 -8.58 -20.93 -3.61
N GLN A 314 -7.31 -21.32 -3.52
CA GLN A 314 -6.87 -22.57 -2.86
C GLN A 314 -6.14 -22.15 -1.58
N TRP A 315 -6.40 -22.85 -0.47
CA TRP A 315 -5.88 -22.48 0.87
C TRP A 315 -5.07 -23.63 1.47
N ARG A 316 -3.95 -23.30 2.12
CA ARG A 316 -3.15 -24.26 2.93
C ARG A 316 -3.28 -23.87 4.39
N ARG A 317 -3.25 -24.86 5.28
CA ARG A 317 -3.27 -24.62 6.75
C ARG A 317 -1.93 -23.98 7.13
N LEU A 318 -1.94 -23.02 8.05
CA LEU A 318 -0.71 -22.46 8.65
C LEU A 318 0.01 -23.57 9.43
N THR B 27 22.02 -7.79 9.37
CA THR B 27 21.09 -8.58 8.50
C THR B 27 21.26 -8.11 7.06
N LEU B 28 20.81 -8.94 6.12
CA LEU B 28 20.95 -8.73 4.66
C LEU B 28 20.23 -7.42 4.29
N ALA B 29 19.09 -7.14 4.92
CA ALA B 29 18.25 -5.97 4.59
C ALA B 29 19.01 -4.68 4.95
N GLN B 30 19.71 -4.67 6.09
CA GLN B 30 20.51 -3.50 6.54
C GLN B 30 21.61 -3.24 5.53
N ARG B 31 22.22 -4.31 5.03
CA ARG B 31 23.32 -4.20 4.06
C ARG B 31 22.79 -3.58 2.76
N LEU B 32 21.63 -4.02 2.28
CA LEU B 32 21.16 -3.73 0.90
C LEU B 32 20.36 -2.42 0.88
N ARG B 33 19.56 -2.20 1.91
CA ARG B 33 18.79 -0.95 2.07
C ARG B 33 19.61 0.25 1.63
N LEU B 34 18.96 1.25 1.06
CA LEU B 34 19.57 2.57 0.75
C LEU B 34 19.53 3.46 2.00
N GLY B 35 20.26 3.11 3.05
CA GLY B 35 20.33 3.97 4.24
C GLY B 35 21.37 3.51 5.23
N SER B 36 21.36 4.17 6.39
CA SER B 36 22.42 4.10 7.42
C SER B 36 22.16 5.19 8.46
N LEU B 37 22.57 4.94 9.69
CA LEU B 37 22.73 6.02 10.68
C LEU B 37 23.61 7.13 10.10
N GLU B 38 23.36 8.34 10.54
CA GLU B 38 24.15 9.51 10.11
C GLU B 38 25.38 9.56 10.98
N PRO B 39 26.44 10.27 10.54
CA PRO B 39 27.70 10.40 11.27
C PRO B 39 27.68 10.48 12.80
N ASP B 40 26.85 11.35 13.38
CA ASP B 40 26.73 11.53 14.86
C ASP B 40 25.93 10.37 15.47
N GLY B 41 25.28 9.55 14.66
CA GLY B 41 24.56 8.35 15.11
C GLY B 41 23.27 8.73 15.83
N LEU B 42 22.82 9.96 15.68
CA LEU B 42 21.64 10.49 16.40
C LEU B 42 20.47 10.72 15.45
N SER B 43 20.60 10.33 14.18
CA SER B 43 19.52 10.33 13.18
C SER B 43 19.72 9.14 12.24
N TYR B 44 18.68 8.80 11.50
CA TYR B 44 18.73 7.76 10.44
C TYR B 44 18.28 8.37 9.10
N LYS B 45 18.96 7.97 8.01
CA LYS B 45 18.65 8.38 6.62
C LYS B 45 18.38 7.13 5.78
N GLU B 46 17.24 7.06 5.09
CA GLU B 46 17.01 6.01 4.07
C GLU B 46 16.26 6.60 2.87
N SER B 47 16.56 6.11 1.69
CA SER B 47 15.94 6.56 0.43
C SER B 47 15.10 5.42 -0.17
N PHE B 48 14.08 5.79 -0.90
CA PHE B 48 13.07 4.86 -1.46
C PHE B 48 12.85 5.30 -2.90
N ILE B 49 12.80 4.34 -3.81
CA ILE B 49 12.40 4.57 -5.23
C ILE B 49 10.88 4.42 -5.30
N VAL B 50 10.20 5.50 -5.65
CA VAL B 50 8.72 5.52 -5.64
C VAL B 50 8.27 4.49 -6.67
N ARG B 51 7.42 3.57 -6.26
CA ARG B 51 7.03 2.42 -7.10
C ARG B 51 5.78 2.82 -7.90
N SER B 52 5.47 2.06 -8.94
CA SER B 52 4.39 2.37 -9.91
C SER B 52 3.02 2.39 -9.23
N TYR B 53 2.79 1.55 -8.23
CA TYR B 53 1.45 1.33 -7.61
C TYR B 53 1.27 2.31 -6.45
N GLU B 54 2.26 3.15 -6.19
CA GLU B 54 2.28 4.04 -4.99
C GLU B 54 1.64 5.38 -5.37
N VAL B 55 1.27 5.57 -6.64
CA VAL B 55 0.84 6.91 -7.13
C VAL B 55 -0.68 6.91 -7.39
N GLY B 56 -1.32 8.04 -7.09
CA GLY B 56 -2.79 8.20 -7.17
C GLY B 56 -3.23 8.99 -8.38
N VAL B 57 -4.43 9.56 -8.30
CA VAL B 57 -5.15 10.24 -9.42
C VAL B 57 -4.34 11.46 -9.87
N ASN B 58 -3.48 11.98 -9.00
CA ASN B 58 -2.69 13.20 -9.29
C ASN B 58 -1.36 12.78 -9.93
N LYS B 59 -1.22 11.52 -10.33
CA LYS B 59 0.00 10.96 -10.99
C LYS B 59 1.23 11.12 -10.08
N THR B 60 1.01 11.21 -8.77
CA THR B 60 2.10 11.35 -7.77
C THR B 60 1.80 10.46 -6.57
N ALA B 61 2.78 10.30 -5.68
CA ALA B 61 2.65 9.47 -4.46
C ALA B 61 1.46 9.92 -3.62
N THR B 62 0.62 8.97 -3.22
CA THR B 62 -0.51 9.19 -2.31
C THR B 62 0.03 9.55 -0.92
N VAL B 63 -0.79 10.19 -0.11
CA VAL B 63 -0.41 10.55 1.29
C VAL B 63 -0.15 9.25 2.03
N GLU B 64 -0.96 8.24 1.72
CA GLU B 64 -0.88 6.91 2.33
C GLU B 64 0.55 6.41 2.11
N THR B 65 1.04 6.52 0.88
CA THR B 65 2.40 6.05 0.56
C THR B 65 3.40 6.76 1.47
N ILE B 66 3.28 8.08 1.55
CA ILE B 66 4.24 8.94 2.30
C ILE B 66 4.24 8.44 3.75
N ALA B 67 3.05 8.29 4.32
CA ALA B 67 2.87 7.89 5.74
C ALA B 67 3.56 6.53 5.95
N ASN B 68 3.36 5.61 5.03
CA ASN B 68 4.01 4.27 5.10
C ASN B 68 5.52 4.42 5.18
N LEU B 69 6.07 5.28 4.34
CA LEU B 69 7.53 5.45 4.25
C LEU B 69 8.01 6.12 5.53
N LEU B 70 7.16 6.94 6.14
CA LEU B 70 7.52 7.60 7.42
C LEU B 70 7.64 6.51 8.48
N GLN B 71 6.73 5.54 8.46
CA GLN B 71 6.72 4.40 9.41
C GLN B 71 7.96 3.54 9.13
N GLU B 72 8.22 3.21 7.86
CA GLU B 72 9.31 2.28 7.45
C GLU B 72 10.64 2.82 7.99
N VAL B 73 10.88 4.11 7.76
CA VAL B 73 12.20 4.69 8.13
C VAL B 73 12.26 4.77 9.66
N GLY B 74 11.12 4.99 10.30
CA GLY B 74 11.01 5.01 11.77
C GLY B 74 11.39 3.66 12.32
N CYS B 75 10.79 2.60 11.77
CA CYS B 75 11.11 1.20 12.13
C CYS B 75 12.62 0.94 11.94
N ASN B 76 13.16 1.28 10.77
CA ASN B 76 14.56 0.94 10.38
C ASN B 76 15.55 1.72 11.27
N HIS B 77 15.20 2.93 11.65
CA HIS B 77 15.97 3.73 12.64
C HIS B 77 16.06 2.93 13.95
N ALA B 78 14.92 2.59 14.53
CA ALA B 78 14.82 1.75 15.74
C ALA B 78 15.73 0.52 15.58
N GLN B 79 15.55 -0.23 14.48
CA GLN B 79 16.27 -1.51 14.25
C GLN B 79 17.78 -1.24 14.34
N SER B 80 18.23 -0.13 13.76
CA SER B 80 19.66 0.14 13.52
C SER B 80 20.37 0.46 14.85
N VAL B 81 19.66 0.88 15.89
CA VAL B 81 20.26 1.21 17.22
C VAL B 81 20.02 0.08 18.21
N GLY B 82 19.33 -0.98 17.81
CA GLY B 82 19.27 -2.26 18.55
C GLY B 82 17.92 -2.54 19.18
N PHE B 83 16.83 -1.88 18.78
CA PHE B 83 15.48 -2.28 19.27
C PHE B 83 14.99 -3.51 18.50
N SER B 84 14.54 -4.53 19.24
CA SER B 84 14.25 -5.91 18.74
C SER B 84 12.76 -6.01 18.38
N THR B 85 12.40 -5.39 17.26
CA THR B 85 11.03 -5.12 16.73
C THR B 85 9.97 -5.96 17.47
N ASP B 86 9.64 -5.55 18.68
CA ASP B 86 8.51 -6.10 19.45
C ASP B 86 7.36 -5.10 19.34
N GLY B 87 7.21 -4.22 20.33
CA GLY B 87 6.08 -3.28 20.37
C GLY B 87 6.42 -1.97 19.68
N PHE B 88 7.53 -1.92 18.94
CA PHE B 88 8.12 -0.70 18.32
C PHE B 88 8.69 0.28 19.36
N ALA B 89 9.98 0.58 19.17
CA ALA B 89 10.78 1.59 19.91
C ALA B 89 10.83 1.25 21.41
N THR B 90 10.46 0.04 21.80
CA THR B 90 10.44 -0.29 23.24
C THR B 90 11.82 -0.77 23.63
N THR B 91 12.27 -0.33 24.80
CA THR B 91 13.58 -0.72 25.37
C THR B 91 13.41 -2.00 26.19
N THR B 92 14.51 -2.44 26.75
CA THR B 92 14.66 -3.79 27.33
C THR B 92 13.82 -3.83 28.62
N THR B 93 13.86 -2.69 29.33
CA THR B 93 13.15 -2.40 30.59
C THR B 93 11.67 -2.20 30.28
N MET B 94 11.37 -1.33 29.32
CA MET B 94 9.97 -1.08 28.88
C MET B 94 9.28 -2.42 28.62
N ARG B 95 9.93 -3.34 27.88
CA ARG B 95 9.37 -4.70 27.58
C ARG B 95 9.03 -5.36 28.92
N LEU B 96 9.97 -5.34 29.86
CA LEU B 96 9.82 -6.04 31.16
C LEU B 96 8.70 -5.39 31.98
N LEU B 97 8.61 -4.06 32.00
CA LEU B 97 7.60 -3.32 32.79
C LEU B 97 6.29 -3.20 32.00
N ARG B 98 6.21 -3.82 30.81
CA ARG B 98 5.01 -3.80 29.93
C ARG B 98 4.65 -2.34 29.58
N LEU B 99 5.65 -1.61 29.06
CA LEU B 99 5.51 -0.19 28.65
C LEU B 99 5.67 -0.08 27.13
N ILE B 100 4.91 0.83 26.55
CA ILE B 100 4.88 1.02 25.08
C ILE B 100 4.77 2.50 24.76
N TRP B 101 5.06 2.78 23.51
CA TRP B 101 4.89 4.11 22.89
C TRP B 101 3.58 4.10 22.11
N VAL B 102 2.74 5.11 22.32
CA VAL B 102 1.51 5.32 21.52
C VAL B 102 1.54 6.74 20.93
N THR B 103 1.02 6.86 19.72
CA THR B 103 0.99 8.13 18.96
C THR B 103 -0.14 9.01 19.51
N ALA B 104 0.21 10.19 19.98
CA ALA B 104 -0.78 11.21 20.36
C ALA B 104 -1.10 12.07 19.14
N ARG B 105 -0.07 12.45 18.37
CA ARG B 105 -0.25 13.38 17.24
C ARG B 105 0.65 12.98 16.06
N MET B 106 0.11 13.10 14.86
CA MET B 106 0.93 13.05 13.64
C MET B 106 0.65 14.35 12.88
N HIS B 107 1.70 14.95 12.32
CA HIS B 107 1.57 16.14 11.46
C HIS B 107 2.47 16.02 10.24
N ILE B 108 1.87 15.84 9.08
CA ILE B 108 2.62 15.73 7.79
C ILE B 108 2.35 16.99 6.97
N GLU B 109 3.42 17.52 6.37
CA GLU B 109 3.36 18.62 5.38
C GLU B 109 4.18 18.21 4.14
N ILE B 110 3.53 18.26 2.97
CA ILE B 110 4.12 17.93 1.65
C ILE B 110 3.99 19.17 0.76
N TYR B 111 5.11 19.65 0.23
CA TYR B 111 5.19 20.78 -0.73
C TYR B 111 4.99 20.27 -2.16
N LYS B 112 5.40 19.03 -2.39
CA LYS B 112 5.55 18.45 -3.74
C LYS B 112 5.52 16.93 -3.61
N TYR B 113 4.54 16.28 -4.21
CA TYR B 113 4.44 14.81 -4.19
C TYR B 113 5.37 14.25 -5.25
N PRO B 114 6.24 13.27 -4.88
CA PRO B 114 7.19 12.68 -5.81
C PRO B 114 6.50 11.80 -6.85
N ALA B 115 7.18 11.58 -7.97
CA ALA B 115 6.63 10.82 -9.11
C ALA B 115 7.20 9.40 -9.08
N TRP B 116 6.51 8.52 -9.77
CA TRP B 116 6.99 7.16 -10.09
C TRP B 116 8.43 7.29 -10.59
N GLY B 117 9.35 6.58 -9.93
CA GLY B 117 10.75 6.48 -10.33
C GLY B 117 11.61 7.54 -9.67
N ASP B 118 11.04 8.44 -8.85
CA ASP B 118 11.86 9.43 -8.10
C ASP B 118 12.51 8.73 -6.91
N VAL B 119 13.69 9.21 -6.50
CA VAL B 119 14.43 8.70 -5.33
C VAL B 119 14.22 9.70 -4.21
N VAL B 120 13.49 9.31 -3.16
CA VAL B 120 13.18 10.23 -2.04
C VAL B 120 14.02 9.78 -0.86
N GLU B 121 14.79 10.75 -0.34
CA GLU B 121 15.61 10.61 0.87
C GLU B 121 14.75 11.02 2.06
N ILE B 122 14.73 10.23 3.11
CA ILE B 122 13.99 10.64 4.35
C ILE B 122 14.96 10.50 5.53
N GLU B 123 15.16 11.59 6.24
CA GLU B 123 15.88 11.55 7.53
C GLU B 123 14.84 11.54 8.65
N THR B 124 15.13 10.82 9.73
CA THR B 124 14.24 10.78 10.91
C THR B 124 15.11 10.72 12.15
N TRP B 125 14.59 11.24 13.25
CA TRP B 125 15.28 11.22 14.55
C TRP B 125 14.26 11.47 15.64
N CYS B 126 14.70 11.37 16.89
CA CYS B 126 13.81 11.38 18.05
C CYS B 126 14.44 12.21 19.17
N GLN B 127 13.67 13.13 19.72
CA GLN B 127 14.11 13.90 20.90
C GLN B 127 13.07 13.67 21.98
N GLU B 128 13.43 14.02 23.21
CA GLU B 128 12.55 13.98 24.40
C GLU B 128 11.45 15.02 24.27
N ASP B 129 10.26 14.73 24.78
CA ASP B 129 9.11 15.68 24.73
C ASP B 129 8.59 15.87 26.15
N GLY B 130 9.29 16.72 26.90
CA GLY B 130 9.16 16.83 28.36
C GLY B 130 9.22 15.46 29.02
N LYS B 131 8.29 15.19 29.93
CA LYS B 131 8.36 14.01 30.83
C LYS B 131 7.27 13.01 30.38
N ILE B 132 6.42 13.45 29.45
CA ILE B 132 5.20 12.71 29.01
C ILE B 132 5.64 11.64 27.99
N GLY B 133 6.59 11.98 27.11
CA GLY B 133 7.11 11.03 26.12
C GLY B 133 8.13 11.62 25.18
N THR B 134 7.81 11.60 23.89
CA THR B 134 8.83 11.51 22.82
C THR B 134 8.28 12.12 21.53
N ARG B 135 9.17 12.71 20.74
CA ARG B 135 8.84 13.34 19.43
C ARG B 135 9.76 12.76 18.35
N ARG B 136 9.15 12.31 17.26
CA ARG B 136 9.89 11.84 16.08
C ARG B 136 9.59 12.81 14.93
N ASP B 137 10.64 13.32 14.29
CA ASP B 137 10.57 14.20 13.11
C ASP B 137 11.10 13.47 11.89
N TRP B 138 10.85 14.08 10.73
CA TRP B 138 11.21 13.59 9.39
C TRP B 138 11.44 14.79 8.48
N ILE B 139 12.47 14.72 7.65
CA ILE B 139 12.67 15.62 6.48
C ILE B 139 12.58 14.73 5.24
N ILE B 140 11.85 15.15 4.22
CA ILE B 140 11.69 14.40 2.95
C ILE B 140 12.30 15.22 1.81
N LYS B 141 13.34 14.68 1.18
CA LYS B 141 14.10 15.29 0.07
C LYS B 141 13.86 14.47 -1.20
N ASP B 142 13.84 15.16 -2.33
CA ASP B 142 14.19 14.52 -3.61
C ASP B 142 15.72 14.42 -3.59
N TYR B 143 16.28 13.21 -3.68
CA TYR B 143 17.73 13.01 -3.44
C TYR B 143 18.51 13.65 -4.60
N SER B 144 18.00 13.57 -5.83
CA SER B 144 18.67 14.12 -7.06
C SER B 144 18.93 15.61 -6.86
N THR B 145 17.84 16.38 -6.72
CA THR B 145 17.89 17.85 -6.58
C THR B 145 18.44 18.17 -5.18
N GLY B 146 18.10 17.38 -4.17
CA GLY B 146 18.36 17.71 -2.75
C GLY B 146 17.32 18.64 -2.16
N VAL B 147 16.24 18.92 -2.90
CA VAL B 147 15.18 19.86 -2.41
C VAL B 147 14.25 19.12 -1.44
N VAL B 148 13.97 19.78 -0.32
CA VAL B 148 12.97 19.36 0.69
C VAL B 148 11.58 19.38 0.07
N ILE B 149 10.93 18.21 -0.02
CA ILE B 149 9.58 18.13 -0.67
C ILE B 149 8.52 17.93 0.40
N GLY B 150 8.92 17.72 1.67
CA GLY B 150 8.01 17.54 2.80
C GLY B 150 8.72 17.47 4.14
N ARG B 151 7.96 17.58 5.22
CA ARG B 151 8.51 17.31 6.55
C ARG B 151 7.38 16.82 7.45
N ALA B 152 7.74 16.26 8.59
CA ALA B 152 6.73 15.64 9.46
C ALA B 152 7.21 15.58 10.90
N THR B 153 6.27 15.60 11.81
CA THR B 153 6.55 15.55 13.26
C THR B 153 5.40 14.84 13.94
N SER B 154 5.72 14.18 15.03
CA SER B 154 4.80 13.25 15.71
C SER B 154 5.11 13.26 17.20
N LYS B 155 4.07 13.21 18.03
CA LYS B 155 4.18 13.24 19.51
C LYS B 155 3.70 11.90 20.06
N TRP B 156 4.51 11.22 20.88
CA TRP B 156 4.22 9.90 21.48
C TRP B 156 4.28 9.99 23.00
N VAL B 157 3.59 9.09 23.70
CA VAL B 157 3.56 9.07 25.20
C VAL B 157 3.75 7.63 25.64
N MET B 158 4.45 7.44 26.76
CA MET B 158 4.58 6.10 27.39
C MET B 158 3.24 5.73 28.01
N MET B 159 2.88 4.48 27.83
CA MET B 159 1.66 3.90 28.39
C MET B 159 2.00 2.50 28.86
N ASN B 160 1.49 2.14 30.02
CA ASN B 160 1.48 0.73 30.48
C ASN B 160 0.52 -0.05 29.58
N GLN B 161 0.97 -1.12 28.93
CA GLN B 161 0.09 -1.77 27.92
C GLN B 161 -1.05 -2.47 28.67
N ASP B 162 -0.90 -2.72 29.98
CA ASP B 162 -1.89 -3.48 30.79
C ASP B 162 -2.97 -2.53 31.34
N THR B 163 -2.61 -1.40 31.96
CA THR B 163 -3.60 -0.40 32.46
C THR B 163 -4.07 0.52 31.34
N ARG B 164 -3.27 0.66 30.28
CA ARG B 164 -3.56 1.60 29.16
C ARG B 164 -3.56 3.02 29.71
N ARG B 165 -2.73 3.30 30.73
CA ARG B 165 -2.70 4.57 31.49
C ARG B 165 -1.30 5.22 31.38
N LEU B 166 -1.26 6.55 31.25
CA LEU B 166 -0.03 7.29 30.86
C LEU B 166 0.98 7.31 32.02
N GLN B 167 2.25 7.54 31.68
CA GLN B 167 3.41 7.41 32.59
C GLN B 167 4.30 8.65 32.52
N ARG B 168 4.82 9.08 33.66
CA ARG B 168 6.13 9.78 33.71
C ARG B 168 7.16 8.80 33.16
N VAL B 169 7.94 9.26 32.18
CA VAL B 169 9.01 8.43 31.54
C VAL B 169 10.09 8.18 32.60
N ASN B 170 10.01 7.03 33.28
CA ASN B 170 11.06 6.45 34.18
C ASN B 170 12.47 6.96 33.81
N ASP B 171 13.32 7.24 34.79
CA ASP B 171 14.70 7.71 34.52
C ASP B 171 15.54 6.56 33.91
N GLU B 172 15.23 5.31 34.27
CA GLU B 172 15.93 4.08 33.76
C GLU B 172 15.83 4.05 32.23
N VAL B 173 14.59 4.09 31.74
CA VAL B 173 14.21 4.06 30.31
C VAL B 173 14.89 5.23 29.58
N ARG B 174 14.77 6.45 30.12
CA ARG B 174 15.35 7.66 29.47
C ARG B 174 16.82 7.38 29.10
N GLU B 175 17.61 6.87 30.05
CA GLU B 175 19.04 6.61 29.81
C GLU B 175 19.18 5.66 28.62
N GLU B 176 18.37 4.63 28.56
CA GLU B 176 18.47 3.55 27.54
C GLU B 176 18.30 4.14 26.12
N TYR B 177 17.47 5.17 25.92
CA TYR B 177 17.09 5.66 24.56
C TYR B 177 17.73 7.03 24.26
N LEU B 178 17.93 7.88 25.26
CA LEU B 178 18.41 9.26 24.99
C LEU B 178 19.86 9.26 24.50
N ILE B 179 20.59 8.14 24.65
CA ILE B 179 21.96 7.99 24.07
C ILE B 179 21.86 8.23 22.56
N PHE B 180 20.72 7.87 21.97
CA PHE B 180 20.55 7.81 20.48
C PHE B 180 19.73 9.01 20.00
N CYS B 181 19.56 10.03 20.83
CA CYS B 181 18.79 11.27 20.53
C CYS B 181 19.70 12.48 20.61
N PRO B 182 19.54 13.49 19.74
CA PRO B 182 20.21 14.77 19.91
C PRO B 182 19.82 15.42 21.25
N ARG B 183 20.79 16.00 21.95
CA ARG B 183 20.62 16.54 23.32
C ARG B 183 19.88 17.87 23.19
N THR B 184 20.28 18.68 22.22
CA THR B 184 19.77 20.06 21.97
C THR B 184 18.72 20.04 20.87
N PRO B 185 17.69 20.92 20.91
CA PRO B 185 16.61 20.87 19.91
C PRO B 185 17.03 20.72 18.43
N ARG B 186 16.51 19.69 17.77
CA ARG B 186 16.47 19.55 16.28
C ARG B 186 14.99 19.50 15.91
N LEU B 187 14.47 20.54 15.28
CA LEU B 187 13.02 20.60 14.97
C LEU B 187 12.85 20.67 13.46
N ALA B 188 12.10 19.74 12.88
CA ALA B 188 11.62 19.83 11.49
C ALA B 188 10.76 21.09 11.37
N PHE B 189 10.07 21.46 12.44
CA PHE B 189 9.17 22.64 12.44
C PHE B 189 9.69 23.66 13.45
N PRO B 190 10.79 24.40 13.16
CA PRO B 190 11.39 25.29 14.15
C PRO B 190 10.73 26.68 14.20
N GLU B 191 9.84 26.99 13.26
CA GLU B 191 9.15 28.31 13.17
C GLU B 191 8.27 28.50 14.41
N GLU B 192 7.76 29.70 14.61
CA GLU B 192 7.18 30.15 15.91
C GLU B 192 5.88 29.39 16.20
N ASP B 193 4.72 29.97 15.91
CA ASP B 193 3.40 29.37 16.26
C ASP B 193 3.09 28.31 15.22
N SER B 194 3.84 27.21 15.25
CA SER B 194 3.87 26.19 14.18
C SER B 194 2.50 25.54 14.07
N ASP B 195 1.95 25.48 12.84
CA ASP B 195 0.68 24.77 12.52
C ASP B 195 0.73 23.34 13.10
N SER B 196 1.93 22.77 13.26
CA SER B 196 2.16 21.38 13.76
C SER B 196 1.73 21.24 15.23
N LEU B 197 1.71 22.32 16.02
CA LEU B 197 1.36 22.28 17.47
C LEU B 197 0.00 22.92 17.75
N LYS B 198 -0.69 23.42 16.72
CA LYS B 198 -2.03 24.05 16.85
C LYS B 198 -3.03 23.05 17.44
N LYS B 199 -3.79 23.47 18.45
CA LYS B 199 -4.93 22.67 18.98
C LYS B 199 -5.96 22.51 17.86
N ILE B 200 -6.62 21.36 17.83
CA ILE B 200 -7.76 21.09 16.91
C ILE B 200 -9.01 21.06 17.77
N PRO B 201 -9.99 21.96 17.53
CA PRO B 201 -11.25 21.90 18.26
C PRO B 201 -12.20 20.86 17.64
N LYS B 202 -13.19 20.47 18.42
CA LYS B 202 -14.30 19.58 18.00
C LYS B 202 -15.19 20.36 17.02
N LEU B 203 -15.36 19.92 15.79
CA LEU B 203 -16.29 20.61 14.86
C LEU B 203 -17.71 20.50 15.44
N GLU B 204 -18.54 21.50 15.12
CA GLU B 204 -19.94 21.62 15.56
C GLU B 204 -20.81 20.79 14.60
N GLU B 205 -21.60 19.86 15.15
CA GLU B 205 -22.60 19.08 14.37
C GLU B 205 -23.84 19.94 14.15
N PRO B 206 -24.53 19.81 12.99
CA PRO B 206 -24.17 18.84 11.95
C PRO B 206 -23.01 19.37 11.10
N ALA B 207 -22.26 18.45 10.50
CA ALA B 207 -21.04 18.77 9.74
C ALA B 207 -21.40 18.98 8.27
N GLN B 208 -20.67 19.85 7.58
CA GLN B 208 -20.92 20.21 6.14
C GLN B 208 -20.87 18.94 5.28
N SER B 209 -19.88 18.10 5.52
CA SER B 209 -19.65 16.85 4.75
C SER B 209 -19.50 15.70 5.72
N SER B 210 -19.93 14.52 5.32
CA SER B 210 -19.89 13.31 6.17
C SER B 210 -19.72 12.07 5.28
N LYS B 211 -19.05 11.06 5.82
CA LYS B 211 -18.93 9.72 5.19
C LYS B 211 -19.25 8.69 6.26
N LEU B 212 -20.41 8.04 6.11
CA LEU B 212 -21.13 7.35 7.20
C LEU B 212 -21.02 5.84 7.03
N GLY B 213 -20.98 5.13 8.16
CA GLY B 213 -21.03 3.67 8.19
C GLY B 213 -19.80 3.04 7.56
N LEU B 214 -18.61 3.61 7.79
CA LEU B 214 -17.33 3.02 7.33
C LEU B 214 -16.90 1.91 8.28
N VAL B 215 -16.46 0.80 7.72
CA VAL B 215 -16.01 -0.39 8.47
C VAL B 215 -14.63 -0.76 7.98
N PRO B 216 -13.66 -1.01 8.87
CA PRO B 216 -12.34 -1.46 8.44
C PRO B 216 -12.49 -2.66 7.51
N ARG B 217 -11.75 -2.65 6.40
CA ARG B 217 -11.60 -3.84 5.53
C ARG B 217 -10.54 -4.74 6.17
N ARG B 218 -10.45 -5.99 5.73
CA ARG B 218 -9.42 -6.92 6.24
C ARG B 218 -8.03 -6.37 5.97
N ALA B 219 -7.82 -5.78 4.80
CA ALA B 219 -6.47 -5.41 4.31
C ALA B 219 -5.93 -4.24 5.15
N ASP B 220 -6.82 -3.56 5.88
CA ASP B 220 -6.58 -2.34 6.72
C ASP B 220 -5.88 -2.66 8.05
N LEU B 221 -5.69 -3.93 8.36
CA LEU B 221 -5.24 -4.35 9.72
C LEU B 221 -3.76 -4.64 9.67
N ASP B 222 -3.02 -4.21 10.70
CA ASP B 222 -1.55 -4.32 10.71
C ASP B 222 -1.13 -5.69 11.28
N MET B 223 0.17 -5.92 11.42
CA MET B 223 0.80 -7.12 12.04
C MET B 223 -0.03 -7.61 13.23
N ASN B 224 -0.28 -6.70 14.18
CA ASN B 224 -0.75 -7.00 15.56
C ASN B 224 -2.29 -6.89 15.59
N GLN B 225 -2.91 -6.59 14.45
CA GLN B 225 -4.37 -6.67 14.14
C GLN B 225 -5.09 -5.36 14.53
N HIS B 226 -4.32 -4.34 14.89
CA HIS B 226 -4.79 -2.95 15.11
C HIS B 226 -5.13 -2.35 13.74
N VAL B 227 -6.04 -1.37 13.71
CA VAL B 227 -6.36 -0.63 12.46
C VAL B 227 -5.23 0.35 12.15
N ASN B 228 -4.71 0.25 10.92
CA ASN B 228 -3.52 0.99 10.40
C ASN B 228 -3.79 2.50 10.38
N ASN B 229 -2.80 3.27 10.83
CA ASN B 229 -2.71 4.74 10.61
C ASN B 229 -3.15 5.13 9.19
N VAL B 230 -2.74 4.43 8.12
CA VAL B 230 -3.13 4.87 6.73
C VAL B 230 -4.65 4.79 6.59
N THR B 231 -5.33 3.91 7.32
CA THR B 231 -6.81 3.75 7.23
C THR B 231 -7.47 5.04 7.76
N TYR B 232 -6.96 5.56 8.87
CA TYR B 232 -7.47 6.81 9.49
C TYR B 232 -7.27 7.96 8.50
N ILE B 233 -6.12 7.95 7.82
CA ILE B 233 -5.81 8.96 6.77
C ILE B 233 -6.88 8.85 5.69
N GLY B 234 -6.99 7.68 5.06
CA GLY B 234 -8.03 7.41 4.05
C GLY B 234 -9.37 8.00 4.47
N TRP B 235 -9.79 7.72 5.71
CA TRP B 235 -11.15 8.06 6.18
C TRP B 235 -11.29 9.58 6.22
N VAL B 236 -10.20 10.28 6.53
CA VAL B 236 -10.21 11.76 6.62
C VAL B 236 -10.48 12.28 5.20
N LEU B 237 -9.87 11.66 4.21
CA LEU B 237 -9.98 12.12 2.81
C LEU B 237 -11.37 11.77 2.30
N GLU B 238 -11.92 10.63 2.69
CA GLU B 238 -13.28 10.21 2.26
C GLU B 238 -14.29 11.31 2.62
N SER B 239 -13.97 12.13 3.64
CA SER B 239 -14.86 13.15 4.21
C SER B 239 -14.87 14.39 3.30
N ILE B 240 -13.84 14.57 2.49
CA ILE B 240 -13.60 15.78 1.66
C ILE B 240 -14.51 15.74 0.44
N PRO B 241 -15.17 16.87 0.06
CA PRO B 241 -15.98 16.94 -1.16
C PRO B 241 -15.18 16.65 -2.45
N GLN B 242 -15.79 15.87 -3.35
CA GLN B 242 -15.19 15.50 -4.66
C GLN B 242 -14.62 16.75 -5.34
N GLU B 243 -15.34 17.87 -5.26
CA GLU B 243 -14.99 19.14 -5.96
C GLU B 243 -13.61 19.56 -5.52
N ILE B 244 -13.34 19.49 -4.21
CA ILE B 244 -12.01 19.86 -3.65
C ILE B 244 -10.95 18.86 -4.14
N ILE B 245 -11.14 17.54 -4.03
CA ILE B 245 -10.07 16.59 -4.43
C ILE B 245 -9.85 16.71 -5.95
N ASP B 246 -10.89 17.01 -6.73
CA ASP B 246 -10.80 17.19 -8.21
C ASP B 246 -9.89 18.38 -8.57
N THR B 247 -9.84 19.39 -7.71
CA THR B 247 -9.27 20.73 -8.00
C THR B 247 -8.12 21.06 -7.04
N HIS B 248 -7.83 20.21 -6.05
CA HIS B 248 -6.82 20.52 -5.00
C HIS B 248 -6.06 19.26 -4.57
N GLU B 249 -4.90 19.50 -3.96
CA GLU B 249 -3.97 18.49 -3.40
C GLU B 249 -3.76 18.80 -1.91
N LEU B 250 -3.62 17.74 -1.11
CA LEU B 250 -3.43 17.85 0.36
C LEU B 250 -2.04 18.43 0.62
N GLN B 251 -1.99 19.52 1.36
CA GLN B 251 -0.70 20.16 1.65
C GLN B 251 -0.26 19.78 3.06
N THR B 252 -1.16 19.84 4.04
CA THR B 252 -0.87 19.37 5.41
C THR B 252 -2.01 18.55 5.98
N ILE B 253 -1.65 17.57 6.79
CA ILE B 253 -2.62 16.82 7.63
C ILE B 253 -2.09 16.82 9.07
N THR B 254 -2.98 17.15 10.00
CA THR B 254 -2.77 16.96 11.45
C THR B 254 -3.86 16.03 11.99
N LEU B 255 -3.46 15.10 12.84
CA LEU B 255 -4.32 14.04 13.42
C LEU B 255 -3.90 13.84 14.86
N ASP B 256 -4.87 14.01 15.77
CA ASP B 256 -4.76 13.63 17.21
C ASP B 256 -5.55 12.35 17.42
N TYR B 257 -4.96 11.35 18.07
CA TYR B 257 -5.63 10.03 18.26
C TYR B 257 -6.15 9.97 19.69
N ARG B 258 -7.43 9.64 19.88
CA ARG B 258 -7.95 9.38 21.23
C ARG B 258 -8.09 7.87 21.46
N ARG B 259 -8.69 7.14 20.52
CA ARG B 259 -9.00 5.70 20.71
C ARG B 259 -8.61 4.88 19.47
N GLU B 260 -8.17 3.65 19.71
CA GLU B 260 -7.98 2.64 18.63
C GLU B 260 -9.36 2.12 18.21
N CYS B 261 -9.56 2.10 16.89
CA CYS B 261 -10.79 1.62 16.24
C CYS B 261 -10.65 0.10 16.06
N GLN B 262 -11.59 -0.66 16.59
CA GLN B 262 -11.61 -2.14 16.45
C GLN B 262 -12.03 -2.51 15.02
N HIS B 263 -11.71 -3.73 14.62
CA HIS B 263 -11.85 -4.19 13.23
C HIS B 263 -13.32 -4.17 12.81
N ASP B 264 -14.24 -4.35 13.74
CA ASP B 264 -15.69 -4.48 13.40
C ASP B 264 -16.42 -3.22 13.84
N ASP B 265 -15.69 -2.24 14.37
CA ASP B 265 -16.26 -0.92 14.77
C ASP B 265 -16.84 -0.25 13.54
N ILE B 266 -17.85 0.59 13.71
CA ILE B 266 -18.41 1.34 12.55
C ILE B 266 -18.30 2.84 12.83
N VAL B 267 -17.76 3.54 11.84
CA VAL B 267 -17.18 4.89 12.02
C VAL B 267 -17.90 5.86 11.09
N ASP B 268 -18.23 7.04 11.60
CA ASP B 268 -18.63 8.21 10.79
C ASP B 268 -17.49 9.23 10.77
N SER B 269 -17.02 9.61 9.57
CA SER B 269 -15.96 10.63 9.34
C SER B 269 -16.59 11.98 8.92
N LEU B 270 -16.37 13.02 9.70
CA LEU B 270 -17.04 14.32 9.51
C LEU B 270 -15.99 15.36 9.10
N SER B 271 -16.45 16.45 8.50
CA SER B 271 -15.59 17.59 8.12
C SER B 271 -16.41 18.85 7.88
N SER B 272 -15.78 19.98 8.15
CA SER B 272 -16.31 21.35 7.89
C SER B 272 -15.13 22.25 7.51
N ARG B 273 -15.35 23.46 7.00
CA ARG B 273 -14.26 24.41 6.64
C ARG B 273 -13.87 25.20 7.88
N GLU B 274 -12.87 26.09 7.82
CA GLU B 274 -12.62 27.10 8.89
C GLU B 274 -11.75 28.25 8.37
N GLY B 291 -8.15 29.92 -4.07
CA GLY B 291 -8.42 28.48 -3.87
C GLY B 291 -7.43 27.84 -2.90
N GLU B 292 -7.42 28.29 -1.65
CA GLU B 292 -6.63 27.66 -0.54
C GLU B 292 -7.49 27.57 0.72
N CYS B 293 -7.78 26.35 1.14
CA CYS B 293 -8.84 26.06 2.14
C CYS B 293 -8.37 25.05 3.16
N GLN B 294 -8.92 25.17 4.36
CA GLN B 294 -8.72 24.26 5.51
C GLN B 294 -10.01 23.53 5.83
N PHE B 295 -9.89 22.35 6.44
CA PHE B 295 -11.04 21.60 6.97
C PHE B 295 -10.71 21.07 8.36
N LEU B 296 -11.71 21.14 9.23
CA LEU B 296 -11.74 20.42 10.51
C LEU B 296 -12.31 19.03 10.30
N HIS B 297 -11.77 18.05 11.03
CA HIS B 297 -12.13 16.62 10.89
C HIS B 297 -12.49 16.06 12.26
N PHE B 298 -13.18 14.93 12.24
CA PHE B 298 -13.66 14.22 13.44
C PHE B 298 -14.16 12.84 13.04
N LEU B 299 -13.51 11.79 13.55
CA LEU B 299 -13.99 10.40 13.38
C LEU B 299 -14.64 9.96 14.69
N LYS B 300 -15.87 9.48 14.60
CA LYS B 300 -16.52 8.91 15.80
C LYS B 300 -17.22 7.60 15.41
N LEU B 301 -17.54 6.83 16.45
CA LEU B 301 -18.28 5.56 16.29
C LEU B 301 -19.75 5.90 16.02
N SER B 302 -20.31 5.28 14.98
CA SER B 302 -21.69 5.47 14.48
C SER B 302 -22.70 5.34 15.63
N GLY B 303 -22.61 4.25 16.42
CA GLY B 303 -23.48 4.01 17.58
C GLY B 303 -23.16 4.92 18.75
N SER B 304 -22.02 4.68 19.40
CA SER B 304 -21.64 5.31 20.70
C SER B 304 -21.66 6.84 20.57
N GLY B 305 -21.15 7.37 19.45
CA GLY B 305 -20.87 8.82 19.26
C GLY B 305 -19.48 9.17 19.77
N LEU B 306 -18.72 8.16 20.17
CA LEU B 306 -17.42 8.32 20.90
C LEU B 306 -16.35 8.66 19.88
N GLU B 307 -15.49 9.62 20.25
CA GLU B 307 -14.41 10.15 19.39
C GLU B 307 -13.30 9.10 19.24
N ILE B 308 -12.92 8.83 18.01
CA ILE B 308 -11.75 7.98 17.69
C ILE B 308 -10.56 8.89 17.42
N ASN B 309 -10.74 9.89 16.55
CA ASN B 309 -9.73 10.93 16.30
C ASN B 309 -10.39 12.21 15.79
N ARG B 310 -9.60 13.27 15.76
CA ARG B 310 -9.90 14.57 15.13
C ARG B 310 -8.69 15.03 14.32
N GLY B 311 -8.90 15.86 13.31
CA GLY B 311 -7.82 16.28 12.40
C GLY B 311 -8.09 17.62 11.74
N ARG B 312 -7.07 18.09 11.03
CA ARG B 312 -7.08 19.32 10.21
C ARG B 312 -6.36 18.98 8.92
N THR B 313 -6.83 19.51 7.80
CA THR B 313 -6.17 19.33 6.50
C THR B 313 -6.18 20.66 5.76
N GLN B 314 -5.02 21.09 5.27
CA GLN B 314 -4.86 22.28 4.39
C GLN B 314 -4.64 21.82 2.95
N TRP B 315 -5.19 22.59 2.00
CA TRP B 315 -5.24 22.18 0.58
C TRP B 315 -4.75 23.31 -0.33
N ARG B 316 -3.99 22.94 -1.37
CA ARG B 316 -3.47 23.87 -2.40
C ARG B 316 -4.21 23.56 -3.71
N ARG B 317 -4.42 24.58 -4.55
CA ARG B 317 -5.06 24.41 -5.88
C ARG B 317 -4.05 23.74 -6.82
N LEU B 318 -4.51 22.93 -7.76
CA LEU B 318 -3.67 22.32 -8.84
C LEU B 318 -3.49 23.35 -9.96
#